data_3UJ3
#
_entry.id   3UJ3
#
_cell.length_a   116.840
_cell.length_b   116.840
_cell.length_c   117.640
_cell.angle_alpha   90.00
_cell.angle_beta   90.00
_cell.angle_gamma   120.00
#
_symmetry.space_group_name_H-M   'P 62 2 2'
#
_entity_poly.entity_id   1
_entity_poly.type   'polypeptide(L)'
_entity_poly.pdbx_seq_one_letter_code
;MLIGYVRVATNDQNTDLQRNALVCAGCEQIFEDKLSGTRTDRPGLKRALKRLQKGDTLVVWKLDRLGRSMKHLISLVGEL
RERGINFRSLTDSIDTSSPMGRFFFHVMGALAEVERELIIERTMAGLAAARNKGRIGGRPPKLTKAEWEQAGRLLAQGIP
RKQVALIYDVALSTLYKKHPAKRAHIENDDRIN
;
_entity_poly.pdbx_strand_id   X
#
# COMPACT_ATOMS: atom_id res chain seq x y z
N LEU A 2 -4.10 -4.89 10.94
CA LEU A 2 -5.33 -4.52 11.69
C LEU A 2 -6.16 -3.39 11.03
N ILE A 3 -5.49 -2.51 10.29
CA ILE A 3 -6.17 -1.37 9.63
C ILE A 3 -5.95 -1.36 8.11
N GLY A 4 -7.05 -1.16 7.36
CA GLY A 4 -7.03 -1.27 5.90
C GLY A 4 -7.18 0.03 5.11
N TYR A 5 -6.65 0.00 3.88
CA TYR A 5 -6.68 1.15 2.96
C TYR A 5 -6.74 0.75 1.49
N VAL A 6 -7.58 1.45 0.73
CA VAL A 6 -7.82 1.13 -0.68
C VAL A 6 -7.72 2.38 -1.58
N ARG A 7 -7.14 2.22 -2.77
CA ARG A 7 -6.92 3.33 -3.71
C ARG A 7 -7.66 3.11 -5.02
N VAL A 8 -8.31 4.16 -5.53
CA VAL A 8 -9.09 4.09 -6.78
C VAL A 8 -9.19 5.46 -7.49
N ALA A 9 -9.56 5.45 -8.77
CA ALA A 9 -9.63 6.65 -9.60
C ALA A 9 -10.80 7.58 -9.28
N THR A 10 -12.00 7.20 -9.72
CA THR A 10 -13.20 8.02 -9.49
C THR A 10 -14.48 7.19 -9.23
N ASN A 11 -14.47 5.93 -9.67
CA ASN A 11 -15.58 5.01 -9.43
C ASN A 11 -15.41 4.22 -8.15
N ASP A 12 -16.50 4.07 -7.39
CA ASP A 12 -16.43 3.47 -6.05
C ASP A 12 -17.23 2.17 -5.88
N GLN A 13 -17.48 1.47 -6.97
CA GLN A 13 -18.16 0.17 -6.91
C GLN A 13 -17.18 -1.00 -6.82
N ASN A 14 -15.99 -0.80 -7.38
CA ASN A 14 -14.92 -1.80 -7.34
C ASN A 14 -14.30 -1.94 -5.96
N THR A 15 -14.23 -0.84 -5.22
CA THR A 15 -13.70 -0.85 -3.85
C THR A 15 -14.59 -1.62 -2.87
N ASP A 16 -15.87 -1.76 -3.23
CA ASP A 16 -16.84 -2.48 -2.40
C ASP A 16 -16.48 -3.95 -2.26
N LEU A 17 -15.95 -4.54 -3.33
CA LEU A 17 -15.49 -5.93 -3.29
C LEU A 17 -14.00 -6.05 -2.91
N GLN A 18 -13.31 -4.92 -2.87
CA GLN A 18 -11.99 -4.86 -2.23
C GLN A 18 -12.18 -4.85 -0.72
N ARG A 19 -13.02 -3.92 -0.27
CA ARG A 19 -13.42 -3.78 1.13
C ARG A 19 -13.87 -5.10 1.72
N ASN A 20 -14.70 -5.83 0.97
CA ASN A 20 -15.21 -7.15 1.37
C ASN A 20 -14.10 -8.13 1.74
N ALA A 21 -13.11 -8.26 0.86
CA ALA A 21 -12.01 -9.21 1.06
C ALA A 21 -11.02 -8.74 2.14
N LEU A 22 -10.95 -7.42 2.35
CA LEU A 22 -10.12 -6.87 3.42
C LEU A 22 -10.69 -7.28 4.77
N VAL A 23 -11.99 -7.02 4.96
CA VAL A 23 -12.71 -7.41 6.17
C VAL A 23 -12.53 -8.89 6.46
N CYS A 24 -12.78 -9.73 5.44
CA CYS A 24 -12.61 -11.18 5.54
C CYS A 24 -11.18 -11.59 5.94
N ALA A 25 -10.20 -10.81 5.49
CA ALA A 25 -8.80 -11.06 5.82
C ALA A 25 -8.45 -10.62 7.24
N GLY A 26 -9.40 -9.96 7.91
CA GLY A 26 -9.25 -9.59 9.31
C GLY A 26 -8.61 -8.24 9.52
N CYS A 27 -9.45 -7.20 9.52
CA CYS A 27 -9.00 -5.83 9.80
C CYS A 27 -10.15 -5.02 10.41
N GLU A 28 -9.80 -3.89 11.01
CA GLU A 28 -10.74 -3.14 11.83
C GLU A 28 -11.38 -1.95 11.10
N GLN A 29 -10.56 -1.02 10.62
CA GLN A 29 -11.07 0.26 10.13
C GLN A 29 -10.95 0.48 8.61
N ILE A 30 -11.69 1.47 8.12
CA ILE A 30 -11.84 1.75 6.69
C ILE A 30 -11.15 3.05 6.26
N PHE A 31 -10.43 2.98 5.12
CA PHE A 31 -9.81 4.15 4.48
C PHE A 31 -9.80 4.04 2.95
N GLU A 32 -10.36 5.04 2.27
CA GLU A 32 -10.38 5.07 0.81
C GLU A 32 -10.17 6.48 0.24
N ASP A 33 -9.39 6.57 -0.85
CA ASP A 33 -9.00 7.86 -1.44
C ASP A 33 -9.37 8.01 -2.93
N LYS A 34 -9.42 9.26 -3.38
CA LYS A 34 -9.54 9.60 -4.80
C LYS A 34 -8.16 9.69 -5.43
N LEU A 35 -8.07 9.40 -6.73
CA LEU A 35 -6.81 9.52 -7.45
C LEU A 35 -6.82 10.73 -8.39
N SER A 36 -7.96 11.41 -8.45
CA SER A 36 -8.13 12.60 -9.28
C SER A 36 -7.33 13.79 -8.72
N GLY A 37 -6.15 14.01 -9.30
CA GLY A 37 -5.23 15.05 -8.85
C GLY A 37 -3.80 14.56 -8.84
N THR A 38 -3.41 13.91 -7.74
CA THR A 38 -2.08 13.34 -7.57
C THR A 38 -2.14 11.97 -6.88
N ARG A 39 -1.33 11.02 -7.36
CA ARG A 39 -1.29 9.67 -6.77
C ARG A 39 -0.05 9.43 -5.89
N THR A 40 0.86 10.40 -5.87
CA THR A 40 2.05 10.36 -5.01
C THR A 40 2.03 11.43 -3.89
N ASP A 41 0.93 12.20 -3.83
CA ASP A 41 0.66 13.09 -2.71
C ASP A 41 -0.54 12.57 -1.92
N ARG A 42 -0.27 12.07 -0.71
CA ARG A 42 -1.27 11.40 0.11
C ARG A 42 -2.39 12.31 0.61
N PRO A 43 -3.65 11.90 0.38
CA PRO A 43 -4.84 12.66 0.76
C PRO A 43 -5.42 12.20 2.10
N GLY A 44 -6.33 11.23 2.05
CA GLY A 44 -6.92 10.65 3.26
C GLY A 44 -6.16 9.45 3.78
N LEU A 45 -4.90 9.31 3.34
CA LEU A 45 -3.99 8.32 3.88
C LEU A 45 -3.32 8.91 5.11
N LYS A 46 -3.26 10.25 5.14
CA LYS A 46 -2.73 10.99 6.28
C LYS A 46 -3.42 10.59 7.59
N ARG A 47 -4.73 10.38 7.51
CA ARG A 47 -5.52 9.90 8.65
C ARG A 47 -5.19 8.46 9.06
N ALA A 48 -4.67 7.67 8.11
CA ALA A 48 -4.28 6.29 8.40
C ALA A 48 -3.00 6.23 9.23
N LEU A 49 -2.13 7.22 9.04
CA LEU A 49 -0.92 7.36 9.84
C LEU A 49 -1.25 7.88 11.23
N LYS A 50 -2.38 8.57 11.35
CA LYS A 50 -2.85 9.15 12.61
C LYS A 50 -3.39 8.07 13.54
N ARG A 51 -4.37 7.30 13.06
CA ARG A 51 -5.01 6.25 13.87
C ARG A 51 -4.22 4.93 13.87
N LEU A 52 -2.89 5.01 13.89
CA LEU A 52 -2.04 3.82 13.89
C LEU A 52 -0.95 3.88 14.98
N GLN A 53 -0.82 2.79 15.74
CA GLN A 53 0.13 2.73 16.86
C GLN A 53 1.00 1.47 16.87
N LYS A 54 2.10 1.54 17.61
CA LYS A 54 3.12 0.48 17.68
C LYS A 54 2.53 -0.92 17.91
N GLY A 55 3.10 -1.90 17.23
CA GLY A 55 2.65 -3.29 17.34
C GLY A 55 1.61 -3.68 16.31
N ASP A 56 0.78 -2.71 15.94
CA ASP A 56 -0.31 -2.92 14.98
C ASP A 56 0.26 -3.16 13.57
N THR A 57 -0.61 -3.44 12.61
CA THR A 57 -0.16 -3.70 11.22
C THR A 57 -0.91 -2.93 10.14
N LEU A 58 -0.48 -3.13 8.90
CA LEU A 58 -1.07 -2.47 7.73
C LEU A 58 -1.65 -3.44 6.72
N VAL A 59 -2.80 -3.08 6.18
CA VAL A 59 -3.52 -3.91 5.21
C VAL A 59 -3.45 -3.30 3.82
N VAL A 60 -2.94 -4.07 2.86
CA VAL A 60 -2.84 -3.66 1.47
C VAL A 60 -3.19 -4.81 0.54
N TRP A 61 -4.16 -4.56 -0.35
CA TRP A 61 -4.53 -5.50 -1.41
C TRP A 61 -3.36 -5.73 -2.33
N LYS A 62 -2.95 -4.68 -3.04
CA LYS A 62 -1.77 -4.71 -3.91
C LYS A 62 -0.88 -3.49 -3.68
N LEU A 63 0.44 -3.74 -3.66
CA LEU A 63 1.45 -2.70 -3.48
C LEU A 63 1.28 -1.53 -4.45
N ASP A 64 0.96 -1.87 -5.71
CA ASP A 64 0.76 -0.91 -6.77
C ASP A 64 -0.32 0.12 -6.43
N ARG A 65 -1.43 -0.35 -5.89
CA ARG A 65 -2.51 0.53 -5.44
C ARG A 65 -2.14 1.13 -4.10
N LEU A 66 -1.16 2.05 -4.12
CA LEU A 66 -0.61 2.67 -2.91
C LEU A 66 0.27 3.89 -3.24
N GLY A 67 1.05 3.79 -4.32
CA GLY A 67 1.97 4.86 -4.73
C GLY A 67 2.97 4.47 -5.82
N ARG A 68 3.42 3.22 -5.76
CA ARG A 68 4.28 2.57 -6.79
C ARG A 68 5.75 3.00 -6.83
N SER A 69 5.99 4.30 -6.63
CA SER A 69 7.35 4.85 -6.60
C SER A 69 8.14 4.30 -5.42
N MET A 70 9.00 3.31 -5.69
CA MET A 70 9.70 2.59 -4.62
C MET A 70 10.70 3.45 -3.83
N LYS A 71 11.14 4.55 -4.42
CA LYS A 71 11.93 5.55 -3.69
C LYS A 71 11.08 6.11 -2.56
N HIS A 72 9.83 6.44 -2.88
CA HIS A 72 8.87 6.98 -1.94
C HIS A 72 8.29 5.90 -1.05
N LEU A 73 8.14 4.68 -1.58
CA LEU A 73 7.60 3.57 -0.81
C LEU A 73 8.53 3.11 0.32
N ILE A 74 9.67 2.53 -0.04
CA ILE A 74 10.69 2.10 0.93
C ILE A 74 10.92 3.15 2.03
N SER A 75 11.05 4.40 1.64
CA SER A 75 11.26 5.50 2.58
C SER A 75 9.96 5.93 3.26
N LEU A 76 9.28 4.96 3.87
CA LEU A 76 7.98 5.19 4.54
C LEU A 76 7.63 3.98 5.39
N VAL A 77 7.55 2.82 4.74
CA VAL A 77 7.33 1.54 5.41
C VAL A 77 8.51 1.24 6.33
N GLY A 78 9.72 1.54 5.86
CA GLY A 78 10.94 1.38 6.64
C GLY A 78 10.98 2.28 7.86
N GLU A 79 10.19 3.36 7.82
CA GLU A 79 10.08 4.27 8.95
C GLU A 79 9.19 3.67 10.06
N LEU A 80 8.21 2.88 9.65
CA LEU A 80 7.36 2.15 10.59
C LEU A 80 8.14 1.00 11.19
N ARG A 81 8.95 0.36 10.35
CA ARG A 81 9.88 -0.69 10.74
C ARG A 81 10.73 -0.24 11.94
N GLU A 82 11.11 1.04 11.95
CA GLU A 82 11.86 1.63 13.07
C GLU A 82 10.95 2.41 14.02
N ARG A 83 9.64 2.26 13.82
CA ARG A 83 8.64 2.82 14.74
C ARG A 83 7.91 1.70 15.50
N GLY A 84 8.25 0.46 15.18
CA GLY A 84 7.71 -0.71 15.87
C GLY A 84 6.47 -1.31 15.25
N ILE A 85 5.99 -0.69 14.16
CA ILE A 85 4.79 -1.15 13.46
C ILE A 85 5.14 -1.85 12.13
N ASN A 86 4.55 -3.02 11.92
CA ASN A 86 4.82 -3.85 10.73
C ASN A 86 3.73 -3.75 9.66
N PHE A 87 3.97 -4.41 8.52
CA PHE A 87 3.06 -4.32 7.36
C PHE A 87 3.00 -5.61 6.54
N ARG A 88 1.79 -5.97 6.14
CA ARG A 88 1.55 -7.15 5.32
C ARG A 88 0.79 -6.76 4.05
N SER A 89 1.11 -7.44 2.95
CA SER A 89 0.44 -7.22 1.67
C SER A 89 -0.33 -8.48 1.25
N LEU A 90 -1.61 -8.30 0.93
CA LEU A 90 -2.56 -9.41 0.77
C LEU A 90 -2.28 -10.33 -0.41
N THR A 91 -2.77 -9.97 -1.60
CA THR A 91 -2.58 -10.81 -2.78
C THR A 91 -1.17 -10.70 -3.36
N ASP A 92 -0.40 -9.74 -2.85
CA ASP A 92 1.04 -9.70 -3.08
C ASP A 92 1.69 -10.81 -2.26
N SER A 93 1.06 -11.11 -1.12
CA SER A 93 1.43 -12.24 -0.26
C SER A 93 2.73 -12.05 0.52
N ILE A 94 2.96 -10.84 1.03
CA ILE A 94 4.22 -10.52 1.72
C ILE A 94 4.03 -9.78 3.04
N ASP A 95 4.83 -10.16 4.04
CA ASP A 95 4.90 -9.43 5.31
C ASP A 95 6.26 -8.75 5.48
N THR A 96 6.32 -7.73 6.34
CA THR A 96 7.59 -7.08 6.68
C THR A 96 8.08 -7.54 8.04
N SER A 97 7.24 -8.31 8.72
CA SER A 97 7.49 -8.80 10.08
C SER A 97 8.86 -9.44 10.26
N SER A 98 9.20 -10.38 9.36
CA SER A 98 10.48 -11.06 9.39
C SER A 98 11.48 -10.41 8.42
N PRO A 99 12.79 -10.46 8.75
CA PRO A 99 13.85 -9.94 7.88
C PRO A 99 13.91 -10.69 6.55
N MET A 100 13.72 -12.00 6.60
CA MET A 100 13.56 -12.84 5.40
C MET A 100 12.35 -12.38 4.60
N GLY A 101 11.32 -11.92 5.32
CA GLY A 101 10.07 -11.47 4.71
C GLY A 101 10.16 -10.12 4.05
N ARG A 102 10.96 -9.22 4.62
CA ARG A 102 11.16 -7.87 4.08
C ARG A 102 11.68 -7.95 2.64
N PHE A 103 12.39 -9.03 2.35
CA PHE A 103 12.99 -9.25 1.04
C PHE A 103 11.97 -9.29 -0.10
N PHE A 104 11.06 -10.27 -0.08
CA PHE A 104 10.01 -10.37 -1.11
C PHE A 104 9.35 -9.00 -1.28
N PHE A 105 9.22 -8.27 -0.18
CA PHE A 105 8.60 -6.94 -0.19
C PHE A 105 9.31 -5.99 -1.13
N HIS A 106 10.56 -5.64 -0.82
CA HIS A 106 11.24 -4.61 -1.58
C HIS A 106 11.78 -5.06 -2.91
N VAL A 107 11.57 -6.34 -3.25
CA VAL A 107 11.79 -6.76 -4.63
C VAL A 107 10.49 -6.75 -5.41
N MET A 108 9.37 -6.85 -4.70
CA MET A 108 8.06 -6.63 -5.30
C MET A 108 7.83 -5.12 -5.44
N GLY A 109 8.37 -4.37 -4.49
CA GLY A 109 8.35 -2.91 -4.52
C GLY A 109 9.30 -2.39 -5.58
N ALA A 110 10.44 -3.06 -5.71
CA ALA A 110 11.37 -2.80 -6.81
C ALA A 110 10.68 -3.05 -8.16
N LEU A 111 9.99 -4.19 -8.25
CA LEU A 111 9.25 -4.56 -9.46
C LEU A 111 8.15 -3.56 -9.76
N ALA A 112 7.40 -3.14 -8.74
CA ALA A 112 6.29 -2.21 -8.90
C ALA A 112 6.71 -0.89 -9.55
N GLU A 113 7.87 -0.37 -9.16
CA GLU A 113 8.41 0.86 -9.74
C GLU A 113 8.85 0.61 -11.17
N VAL A 114 9.80 -0.30 -11.34
CA VAL A 114 10.35 -0.67 -12.65
C VAL A 114 9.25 -1.19 -13.60
N GLU A 115 8.07 -1.45 -13.04
CA GLU A 115 6.88 -1.74 -13.82
C GLU A 115 6.41 -0.43 -14.45
N ARG A 116 5.97 0.50 -13.58
CA ARG A 116 5.54 1.84 -13.97
C ARG A 116 6.56 2.57 -14.83
N GLU A 117 7.84 2.42 -14.49
CA GLU A 117 8.94 3.10 -15.17
C GLU A 117 9.10 2.66 -16.63
N LEU A 118 8.72 1.41 -16.91
CA LEU A 118 8.80 0.87 -18.27
C LEU A 118 7.47 1.02 -19.00
N ILE A 119 6.38 1.06 -18.23
CA ILE A 119 5.04 1.29 -18.78
C ILE A 119 4.90 2.74 -19.23
N ILE A 120 5.39 3.67 -18.41
CA ILE A 120 5.26 5.10 -18.67
C ILE A 120 6.14 5.59 -19.82
N GLU A 121 7.26 4.91 -20.05
CA GLU A 121 8.18 5.25 -21.13
C GLU A 121 7.74 4.65 -22.47
N ARG A 122 6.84 3.68 -22.40
CA ARG A 122 6.25 3.05 -23.58
C ARG A 122 5.34 4.03 -24.31
N THR A 123 4.78 4.97 -23.55
CA THR A 123 3.87 5.99 -24.05
C THR A 123 4.56 6.96 -25.02
N MET A 124 5.86 7.16 -24.83
CA MET A 124 6.64 8.11 -25.63
C MET A 124 6.83 7.62 -27.07
N ALA A 125 7.82 6.76 -27.29
CA ALA A 125 8.08 6.20 -28.62
C ALA A 125 8.43 4.72 -28.51
#